data_6TGU
#
_entry.id   6TGU
#
_cell.length_a   46.288
_cell.length_b   47.532
_cell.length_c   50.403
_cell.angle_alpha   66.797
_cell.angle_beta   90.282
_cell.angle_gamma   89.594
#
_symmetry.space_group_name_H-M   'P 1'
#
loop_
_entity.id
_entity.type
_entity.pdbx_description
1 polymer "Casein kinase II subunit alpha'"
2 non-polymer '4-[[4-(4-chlorophenyl)-1,3-thiazol-2-yl]amino]-2-oxidanyl-benzoic acid'
3 non-polymer 1,2-ETHANEDIOL
4 water water
#
_entity_poly.entity_id   1
_entity_poly.type   'polypeptide(L)'
_entity_poly.pdbx_seq_one_letter_code
;MGSSHHHHHHSQDPMPGPAAGSRARVYAEVNSLRSREYWDYEAHVPSWGNQDDYQLVRKLGRGKYSEVFEAINITNNERV
VVKILKPVKKKKIKREVKILENLRGGTNIIKLIDTVKDPVSKTPALVFEYINNTDFKQLYQILTDFDIRFYMYELLKALD
YCHSKGIMHRDVKPHNVMIDHQQKKLRLIDWGLAEFYHPAQEYNVRVASRYFKGPELLVDYQMYDYSLDMWSLGCMLASM
IFRREPFFHGQDNYDQLVRIAKVLGTEELYGYLKKYHIDLDPHFNDILGQHSRKRWENFIHSENRHLVSPEALDLLDKLL
RYDHQQRLTAKEAMEHPYFYPVVKEQSQPSADNAVLSSGLTAAR
;
_entity_poly.pdbx_strand_id   A
#
loop_
_chem_comp.id
_chem_comp.type
_chem_comp.name
_chem_comp.formula
EDO non-polymer 1,2-ETHANEDIOL 'C2 H6 O2'
N92 non-polymer '4-[[4-(4-chlorophenyl)-1,3-thiazol-2-yl]amino]-2-oxidanyl-benzoic acid' 'C16 H11 Cl N2 O3 S'
#
# COMPACT_ATOMS: atom_id res chain seq x y z
N GLY A 21 7.43 15.32 -18.01
CA GLY A 21 8.21 14.84 -16.86
C GLY A 21 8.13 13.33 -16.65
N SER A 22 7.98 12.91 -15.39
CA SER A 22 8.11 11.52 -15.03
C SER A 22 6.84 10.77 -15.43
N ARG A 23 6.99 9.49 -15.75
N ARG A 23 7.02 9.47 -15.79
CA ARG A 23 5.85 8.62 -15.93
CA ARG A 23 5.96 8.55 -16.26
C ARG A 23 6.18 7.25 -15.38
C ARG A 23 6.19 7.15 -15.69
N ALA A 24 5.13 6.49 -15.20
CA ALA A 24 5.27 5.09 -14.83
C ALA A 24 5.94 4.30 -15.96
N ARG A 25 6.76 3.30 -15.60
CA ARG A 25 7.36 2.40 -16.58
C ARG A 25 6.40 1.32 -17.05
N VAL A 26 5.34 1.07 -16.32
CA VAL A 26 4.36 0.07 -16.63
C VAL A 26 2.98 0.68 -16.47
N TYR A 27 2.04 0.20 -17.25
CA TYR A 27 0.64 0.55 -17.10
C TYR A 27 0.43 2.04 -17.19
N ALA A 28 1.27 2.75 -17.95
CA ALA A 28 1.18 4.18 -17.95
C ALA A 28 -0.08 4.68 -18.63
N GLU A 29 -0.44 4.06 -19.75
CA GLU A 29 -1.56 4.51 -20.54
C GLU A 29 -2.81 3.68 -20.33
N VAL A 30 -2.80 2.79 -19.36
CA VAL A 30 -3.84 1.82 -19.37
C VAL A 30 -5.22 2.46 -19.15
N ASN A 31 -5.34 3.51 -18.30
CA ASN A 31 -6.64 4.14 -18.16
C ASN A 31 -7.06 4.88 -19.42
N SER A 32 -6.12 5.51 -20.12
N SER A 32 -6.10 5.55 -20.04
CA SER A 32 -6.42 6.22 -21.36
CA SER A 32 -6.41 6.23 -21.27
C SER A 32 -6.91 5.28 -22.47
C SER A 32 -7.02 5.26 -22.27
N LEU A 33 -6.51 4.02 -22.36
CA LEU A 33 -6.92 3.02 -23.32
C LEU A 33 -8.27 2.37 -23.00
N ARG A 34 -8.83 2.64 -21.81
CA ARG A 34 -10.12 2.11 -21.41
C ARG A 34 -11.21 3.17 -21.66
N SER A 35 -12.46 2.70 -21.63
CA SER A 35 -13.60 3.59 -21.67
C SER A 35 -13.47 4.66 -20.56
N ARG A 36 -13.88 5.87 -20.87
CA ARG A 36 -13.88 6.91 -19.84
C ARG A 36 -14.63 6.49 -18.59
N GLU A 37 -15.75 5.80 -18.73
N GLU A 37 -15.73 5.70 -18.78
CA GLU A 37 -16.49 5.48 -17.54
CA GLU A 37 -16.57 5.20 -17.69
C GLU A 37 -15.61 4.68 -16.54
C GLU A 37 -15.78 4.45 -16.65
N TYR A 38 -14.63 3.91 -17.02
CA TYR A 38 -13.80 3.12 -16.12
C TYR A 38 -13.16 4.01 -15.03
N TRP A 39 -12.64 5.16 -15.45
CA TRP A 39 -11.86 6.02 -14.55
C TRP A 39 -12.59 7.29 -14.12
N ASP A 40 -13.71 7.63 -14.76
CA ASP A 40 -14.44 8.85 -14.42
C ASP A 40 -15.37 8.56 -13.26
N TYR A 41 -14.77 8.44 -12.08
CA TYR A 41 -15.52 8.00 -10.92
C TYR A 41 -16.58 9.03 -10.49
N GLU A 42 -16.38 10.30 -10.82
CA GLU A 42 -17.38 11.30 -10.43
C GLU A 42 -18.71 11.01 -11.11
N ALA A 43 -18.66 10.34 -12.26
CA ALA A 43 -19.86 9.97 -13.00
C ALA A 43 -20.45 8.64 -12.56
N HIS A 44 -19.79 7.91 -11.68
CA HIS A 44 -20.30 6.61 -11.28
C HIS A 44 -21.52 6.78 -10.39
N VAL A 45 -22.50 5.90 -10.59
CA VAL A 45 -23.72 5.87 -9.81
C VAL A 45 -23.81 4.48 -9.17
N PRO A 46 -23.41 4.35 -7.93
CA PRO A 46 -23.52 3.06 -7.25
C PRO A 46 -24.97 2.63 -7.11
N SER A 47 -25.16 1.35 -6.90
CA SER A 47 -26.45 0.81 -6.49
C SER A 47 -26.36 0.53 -5.00
N TRP A 48 -27.13 1.28 -4.20
CA TRP A 48 -27.04 1.20 -2.76
C TRP A 48 -28.10 0.23 -2.23
N GLY A 49 -27.64 -0.90 -1.69
CA GLY A 49 -28.52 -1.84 -1.03
C GLY A 49 -28.83 -1.42 0.39
N ASN A 50 -29.50 -2.30 1.09
CA ASN A 50 -30.12 -1.97 2.37
C ASN A 50 -29.24 -2.48 3.53
N GLN A 51 -28.74 -1.54 4.34
CA GLN A 51 -27.91 -1.94 5.46
C GLN A 51 -28.69 -2.70 6.52
N ASP A 52 -30.02 -2.66 6.48
CA ASP A 52 -30.81 -3.36 7.49
C ASP A 52 -30.63 -4.87 7.46
N ASP A 53 -30.03 -5.42 6.40
CA ASP A 53 -29.73 -6.82 6.39
C ASP A 53 -28.54 -7.20 7.26
N TYR A 54 -27.84 -6.23 7.85
CA TYR A 54 -26.63 -6.51 8.63
C TYR A 54 -26.81 -6.12 10.09
N GLN A 55 -26.35 -7.01 10.95
CA GLN A 55 -26.31 -6.81 12.39
C GLN A 55 -24.87 -6.54 12.78
N LEU A 56 -24.62 -5.38 13.37
CA LEU A 56 -23.27 -5.07 13.87
C LEU A 56 -23.01 -5.84 15.15
N VAL A 57 -21.85 -6.45 15.23
CA VAL A 57 -21.48 -7.31 16.37
C VAL A 57 -20.40 -6.68 17.23
N ARG A 58 -19.40 -6.05 16.62
CA ARG A 58 -18.30 -5.52 17.41
C ARG A 58 -17.60 -4.45 16.60
N LYS A 59 -17.19 -3.39 17.27
CA LYS A 59 -16.35 -2.37 16.65
C LYS A 59 -14.95 -2.90 16.49
N LEU A 60 -14.38 -2.75 15.29
CA LEU A 60 -13.01 -3.15 15.03
C LEU A 60 -12.09 -1.94 15.08
N GLY A 61 -12.49 -0.81 14.55
CA GLY A 61 -11.63 0.35 14.63
C GLY A 61 -12.32 1.53 14.02
N ARG A 62 -11.59 2.63 14.06
CA ARG A 62 -12.09 3.88 13.58
C ARG A 62 -10.93 4.68 13.08
N GLY A 63 -11.24 5.52 12.11
CA GLY A 63 -10.23 6.42 11.61
C GLY A 63 -10.92 7.67 11.13
N LYS A 64 -10.22 8.55 10.42
CA LYS A 64 -10.82 9.85 10.10
C LYS A 64 -11.98 9.72 9.14
N TYR A 65 -12.01 8.67 8.31
CA TYR A 65 -13.00 8.57 7.26
C TYR A 65 -14.06 7.52 7.49
N SER A 66 -13.91 6.68 8.51
CA SER A 66 -14.84 5.58 8.60
C SER A 66 -14.75 4.99 9.99
N GLU A 67 -15.71 4.14 10.28
CA GLU A 67 -15.66 3.23 11.41
C GLU A 67 -15.98 1.86 10.84
N VAL A 68 -15.27 0.86 11.37
CA VAL A 68 -15.36 -0.50 10.87
C VAL A 68 -15.88 -1.39 11.98
N PHE A 69 -16.83 -2.22 11.60
CA PHE A 69 -17.47 -3.19 12.51
C PHE A 69 -17.41 -4.58 11.91
N GLU A 70 -17.25 -5.58 12.77
CA GLU A 70 -17.63 -6.91 12.40
C GLU A 70 -19.14 -7.01 12.44
N ALA A 71 -19.75 -7.75 11.50
CA ALA A 71 -21.18 -7.83 11.39
C ALA A 71 -21.58 -9.20 10.85
N ILE A 72 -22.87 -9.47 10.96
CA ILE A 72 -23.47 -10.67 10.40
C ILE A 72 -24.58 -10.25 9.45
N ASN A 73 -24.62 -10.84 8.25
CA ASN A 73 -25.76 -10.69 7.36
C ASN A 73 -26.87 -11.60 7.86
N ILE A 74 -27.96 -11.01 8.35
CA ILE A 74 -29.02 -11.77 9.02
C ILE A 74 -29.82 -12.64 8.06
N THR A 75 -29.69 -12.39 6.76
CA THR A 75 -30.43 -13.18 5.80
C THR A 75 -29.73 -14.49 5.44
N ASN A 76 -28.43 -14.60 5.64
CA ASN A 76 -27.67 -15.79 5.22
C ASN A 76 -26.58 -16.18 6.19
N ASN A 77 -26.50 -15.50 7.35
CA ASN A 77 -25.58 -15.81 8.41
C ASN A 77 -24.12 -15.58 8.04
N GLU A 78 -23.83 -14.83 6.98
CA GLU A 78 -22.45 -14.58 6.61
C GLU A 78 -21.84 -13.54 7.56
N ARG A 79 -20.65 -13.81 8.05
CA ARG A 79 -19.84 -12.84 8.78
C ARG A 79 -19.09 -11.96 7.84
N VAL A 80 -19.16 -10.64 8.07
CA VAL A 80 -18.61 -9.64 7.18
C VAL A 80 -18.01 -8.52 8.02
N VAL A 81 -17.43 -7.53 7.33
CA VAL A 81 -17.01 -6.29 7.96
C VAL A 81 -17.79 -5.17 7.26
N VAL A 82 -18.33 -4.25 8.06
CA VAL A 82 -19.07 -3.10 7.56
C VAL A 82 -18.24 -1.85 7.88
N LYS A 83 -17.93 -1.09 6.84
CA LYS A 83 -17.18 0.18 6.95
C LYS A 83 -18.18 1.31 6.70
N ILE A 84 -18.53 2.01 7.78
CA ILE A 84 -19.53 3.07 7.70
C ILE A 84 -18.77 4.33 7.40
N LEU A 85 -19.14 4.99 6.30
CA LEU A 85 -18.37 6.12 5.82
C LEU A 85 -18.83 7.39 6.49
N LYS A 86 -17.83 8.11 7.06
CA LYS A 86 -18.04 9.38 7.73
C LYS A 86 -18.19 10.49 6.70
N PRO A 87 -18.82 11.60 7.11
CA PRO A 87 -19.22 12.63 6.13
C PRO A 87 -17.98 13.14 5.39
N VAL A 88 -18.09 13.17 4.05
CA VAL A 88 -17.00 13.51 3.13
C VAL A 88 -17.81 13.83 1.90
N LYS A 89 -17.19 14.44 0.92
CA LYS A 89 -17.94 14.72 -0.27
C LYS A 89 -18.31 13.42 -0.93
N LYS A 90 -19.38 13.48 -1.68
CA LYS A 90 -19.59 12.22 -2.26
C LYS A 90 -18.48 11.88 -3.20
N LYS A 91 -17.58 12.80 -3.59
CA LYS A 91 -16.59 12.50 -4.63
C LYS A 91 -15.64 11.39 -4.19
N LYS A 92 -15.18 11.49 -2.94
CA LYS A 92 -14.24 10.49 -2.39
C LYS A 92 -14.93 9.13 -2.23
N ILE A 93 -16.22 9.13 -1.89
CA ILE A 93 -17.00 7.89 -1.77
C ILE A 93 -17.11 7.25 -3.14
N LYS A 94 -17.47 8.03 -4.16
CA LYS A 94 -17.58 7.47 -5.51
C LYS A 94 -16.21 6.92 -5.96
N ARG A 95 -15.12 7.63 -5.62
CA ARG A 95 -13.80 7.15 -6.01
C ARG A 95 -13.53 5.75 -5.45
N GLU A 96 -13.73 5.60 -4.13
CA GLU A 96 -13.42 4.33 -3.50
C GLU A 96 -14.33 3.22 -4.06
N VAL A 97 -15.63 3.53 -4.20
CA VAL A 97 -16.57 2.53 -4.71
C VAL A 97 -16.19 2.12 -6.14
N LYS A 98 -15.91 3.09 -7.00
CA LYS A 98 -15.60 2.73 -8.39
C LYS A 98 -14.29 1.93 -8.46
N ILE A 99 -13.30 2.33 -7.67
CA ILE A 99 -12.03 1.57 -7.63
C ILE A 99 -12.31 0.12 -7.22
N LEU A 100 -13.10 -0.06 -6.14
CA LEU A 100 -13.39 -1.42 -5.71
C LEU A 100 -14.14 -2.22 -6.79
N GLU A 101 -15.09 -1.58 -7.49
CA GLU A 101 -15.77 -2.26 -8.60
C GLU A 101 -14.76 -2.68 -9.65
N ASN A 102 -13.85 -1.78 -9.99
CA ASN A 102 -12.87 -2.10 -11.03
C ASN A 102 -11.93 -3.22 -10.62
N LEU A 103 -11.68 -3.37 -9.33
CA LEU A 103 -10.78 -4.38 -8.78
C LEU A 103 -11.49 -5.69 -8.49
N ARG A 104 -12.79 -5.82 -8.88
CA ARG A 104 -13.56 -7.01 -8.55
C ARG A 104 -12.82 -8.27 -9.00
N GLY A 105 -12.71 -9.23 -8.05
CA GLY A 105 -12.04 -10.48 -8.32
C GLY A 105 -10.54 -10.45 -8.28
N GLY A 106 -9.93 -9.30 -8.02
CA GLY A 106 -8.51 -9.19 -8.03
C GLY A 106 -7.84 -10.00 -6.94
N THR A 107 -6.70 -10.59 -7.27
CA THR A 107 -6.02 -11.49 -6.36
C THR A 107 -5.56 -10.74 -5.09
N ASN A 108 -6.04 -11.25 -3.94
CA ASN A 108 -5.62 -10.74 -2.65
C ASN A 108 -6.07 -9.31 -2.38
N ILE A 109 -7.02 -8.82 -3.14
CA ILE A 109 -7.66 -7.54 -2.82
C ILE A 109 -8.92 -7.84 -2.01
N ILE A 110 -9.13 -7.09 -0.94
CA ILE A 110 -10.30 -7.36 -0.13
C ILE A 110 -11.55 -7.35 -1.00
N LYS A 111 -12.42 -8.35 -0.78
CA LYS A 111 -13.63 -8.47 -1.57
C LYS A 111 -14.71 -7.56 -1.04
N LEU A 112 -15.18 -6.64 -1.88
CA LEU A 112 -16.36 -5.84 -1.63
C LEU A 112 -17.60 -6.68 -1.94
N ILE A 113 -18.38 -6.96 -0.92
CA ILE A 113 -19.59 -7.74 -1.07
C ILE A 113 -20.74 -6.84 -1.51
N ASP A 114 -20.88 -5.66 -0.92
CA ASP A 114 -21.98 -4.79 -1.32
C ASP A 114 -21.69 -3.35 -0.88
N THR A 115 -22.40 -2.43 -1.55
CA THR A 115 -22.48 -1.03 -1.20
C THR A 115 -23.88 -0.80 -0.66
N VAL A 116 -24.00 -0.35 0.59
CA VAL A 116 -25.31 -0.25 1.24
C VAL A 116 -25.47 1.10 1.90
N LYS A 117 -26.72 1.45 2.21
CA LYS A 117 -27.05 2.64 2.96
C LYS A 117 -28.00 2.26 4.11
N ASP A 118 -27.89 3.01 5.22
CA ASP A 118 -29.00 3.06 6.15
C ASP A 118 -30.20 3.65 5.38
N PRO A 119 -31.32 2.93 5.31
CA PRO A 119 -32.38 3.34 4.38
C PRO A 119 -33.13 4.60 4.81
N VAL A 120 -32.90 5.07 6.04
CA VAL A 120 -33.52 6.29 6.52
C VAL A 120 -32.55 7.46 6.42
N SER A 121 -31.37 7.35 7.02
CA SER A 121 -30.40 8.43 7.01
C SER A 121 -29.70 8.57 5.66
N LYS A 122 -29.65 7.49 4.90
CA LYS A 122 -28.92 7.41 3.64
C LYS A 122 -27.40 7.47 3.85
N THR A 123 -26.90 7.27 5.08
CA THR A 123 -25.45 7.18 5.26
C THR A 123 -24.92 5.94 4.57
N PRO A 124 -23.90 6.07 3.74
CA PRO A 124 -23.39 4.91 2.99
C PRO A 124 -22.37 4.12 3.81
N ALA A 125 -22.27 2.84 3.42
CA ALA A 125 -21.34 1.92 4.05
C ALA A 125 -20.94 0.88 3.00
N LEU A 126 -19.76 0.32 3.24
CA LEU A 126 -19.20 -0.72 2.38
C LEU A 126 -19.12 -2.02 3.18
N VAL A 127 -19.53 -3.12 2.54
CA VAL A 127 -19.55 -4.42 3.19
C VAL A 127 -18.44 -5.25 2.54
N PHE A 128 -17.52 -5.74 3.37
CA PHE A 128 -16.38 -6.52 2.92
C PHE A 128 -16.39 -7.91 3.50
N GLU A 129 -15.71 -8.83 2.79
CA GLU A 129 -15.48 -10.13 3.38
C GLU A 129 -14.73 -9.99 4.71
N TYR A 130 -14.99 -10.96 5.59
CA TYR A 130 -14.29 -11.10 6.84
C TYR A 130 -12.96 -11.83 6.64
N ILE A 131 -11.95 -11.38 7.37
CA ILE A 131 -10.64 -11.99 7.45
C ILE A 131 -10.29 -12.07 8.94
N ASN A 132 -9.90 -13.24 9.43
CA ASN A 132 -9.52 -13.42 10.82
C ASN A 132 -8.05 -13.02 11.00
N ASN A 133 -7.80 -11.72 11.12
N ASN A 133 -7.82 -11.71 11.07
CA ASN A 133 -6.47 -11.21 10.96
CA ASN A 133 -6.51 -11.09 11.09
C ASN A 133 -5.72 -11.29 12.28
C ASN A 133 -5.72 -11.41 12.37
N THR A 134 -4.44 -11.62 12.16
CA THR A 134 -3.48 -11.65 13.26
C THR A 134 -2.87 -10.27 13.35
N ASP A 135 -2.93 -9.67 14.55
CA ASP A 135 -2.36 -8.35 14.77
C ASP A 135 -0.92 -8.34 14.29
N PHE A 136 -0.61 -7.40 13.43
CA PHE A 136 0.68 -7.43 12.78
C PHE A 136 1.90 -7.24 13.74
N LYS A 137 1.71 -6.51 14.85
CA LYS A 137 2.85 -6.31 15.72
C LYS A 137 3.28 -7.65 16.29
N GLN A 138 2.30 -8.50 16.61
CA GLN A 138 2.61 -9.82 17.13
C GLN A 138 3.18 -10.68 16.02
N LEU A 139 2.53 -10.64 14.87
CA LEU A 139 2.88 -11.52 13.76
C LEU A 139 4.33 -11.30 13.31
N TYR A 140 4.73 -10.03 13.18
CA TYR A 140 6.00 -9.72 12.51
C TYR A 140 7.26 -10.05 13.33
N GLN A 141 7.07 -10.44 14.57
CA GLN A 141 8.15 -10.96 15.35
C GLN A 141 8.24 -12.48 15.32
N ILE A 142 7.30 -13.21 14.71
CA ILE A 142 7.32 -14.68 14.66
C ILE A 142 7.38 -15.24 13.24
N LEU A 143 7.48 -14.41 12.24
CA LEU A 143 7.53 -14.93 10.87
C LEU A 143 8.84 -15.67 10.59
N THR A 144 8.75 -16.76 9.84
CA THR A 144 9.93 -17.43 9.33
C THR A 144 10.38 -16.77 8.01
N ASP A 145 11.55 -17.17 7.56
CA ASP A 145 12.04 -16.71 6.24
C ASP A 145 11.03 -17.05 5.16
N PHE A 146 10.56 -18.28 5.11
CA PHE A 146 9.62 -18.65 4.09
C PHE A 146 8.32 -17.86 4.25
N ASP A 147 7.85 -17.64 5.51
CA ASP A 147 6.63 -16.85 5.69
C ASP A 147 6.74 -15.47 5.07
N ILE A 148 7.88 -14.81 5.28
CA ILE A 148 8.05 -13.45 4.75
C ILE A 148 8.00 -13.49 3.23
N ARG A 149 8.72 -14.44 2.63
CA ARG A 149 8.68 -14.57 1.19
C ARG A 149 7.24 -14.78 0.72
N PHE A 150 6.54 -15.71 1.39
CA PHE A 150 5.17 -16.04 0.99
C PHE A 150 4.24 -14.83 1.07
N TYR A 151 4.25 -14.14 2.24
CA TYR A 151 3.30 -13.04 2.38
C TYR A 151 3.67 -11.85 1.49
N MET A 152 4.98 -11.58 1.33
CA MET A 152 5.36 -10.52 0.39
C MET A 152 4.92 -10.88 -1.03
N TYR A 153 5.05 -12.14 -1.43
CA TYR A 153 4.62 -12.52 -2.76
C TYR A 153 3.12 -12.32 -2.92
N GLU A 154 2.34 -12.72 -1.89
CA GLU A 154 0.91 -12.55 -1.94
C GLU A 154 0.52 -11.06 -2.03
N LEU A 155 1.21 -10.20 -1.25
CA LEU A 155 0.93 -8.78 -1.32
C LEU A 155 1.30 -8.21 -2.69
N LEU A 156 2.39 -8.66 -3.24
CA LEU A 156 2.77 -8.23 -4.59
C LEU A 156 1.73 -8.61 -5.61
N LYS A 157 1.05 -9.77 -5.46
CA LYS A 157 0.02 -10.09 -6.42
C LYS A 157 -1.08 -9.04 -6.40
N ALA A 158 -1.44 -8.54 -5.20
CA ALA A 158 -2.49 -7.53 -5.11
C ALA A 158 -2.05 -6.23 -5.74
N LEU A 159 -0.78 -5.81 -5.50
CA LEU A 159 -0.29 -4.56 -6.08
C LEU A 159 -0.13 -4.67 -7.59
N ASP A 160 0.43 -5.79 -8.08
CA ASP A 160 0.53 -5.92 -9.52
C ASP A 160 -0.88 -5.85 -10.11
N TYR A 161 -1.87 -6.48 -9.45
CA TYR A 161 -3.22 -6.44 -9.98
C TYR A 161 -3.74 -5.01 -10.02
N CYS A 162 -3.69 -4.29 -8.89
CA CYS A 162 -4.27 -2.95 -8.92
C CYS A 162 -3.52 -2.02 -9.86
N HIS A 163 -2.19 -2.11 -9.91
CA HIS A 163 -1.43 -1.28 -10.84
C HIS A 163 -1.86 -1.63 -12.29
N SER A 164 -2.05 -2.91 -12.59
CA SER A 164 -2.48 -3.30 -13.94
C SER A 164 -3.87 -2.75 -14.26
N LYS A 165 -4.67 -2.51 -13.23
CA LYS A 165 -5.98 -1.90 -13.33
C LYS A 165 -5.91 -0.38 -13.25
N GLY A 166 -4.73 0.20 -13.36
CA GLY A 166 -4.60 1.63 -13.44
C GLY A 166 -4.75 2.37 -12.11
N ILE A 167 -4.57 1.65 -11.00
CA ILE A 167 -4.86 2.20 -9.66
C ILE A 167 -3.61 2.11 -8.78
N MET A 168 -3.34 3.24 -8.12
CA MET A 168 -2.34 3.33 -7.07
C MET A 168 -3.06 3.23 -5.71
N HIS A 169 -2.57 2.38 -4.81
CA HIS A 169 -3.23 2.23 -3.51
C HIS A 169 -3.01 3.47 -2.61
N ARG A 170 -1.72 3.86 -2.51
CA ARG A 170 -1.29 5.07 -1.81
C ARG A 170 -1.41 5.00 -0.30
N ASP A 171 -1.65 3.81 0.26
CA ASP A 171 -1.68 3.70 1.72
C ASP A 171 -1.24 2.28 2.12
N VAL A 172 -0.21 1.76 1.49
CA VAL A 172 0.27 0.44 1.83
C VAL A 172 1.01 0.56 3.16
N LYS A 173 0.66 -0.31 4.13
CA LYS A 173 1.23 -0.32 5.45
C LYS A 173 0.72 -1.59 6.13
N PRO A 174 1.35 -2.04 7.20
CA PRO A 174 0.92 -3.28 7.88
C PRO A 174 -0.53 -3.29 8.26
N HIS A 175 -1.08 -2.27 8.85
N HIS A 175 -1.06 -2.02 8.60
CA HIS A 175 -2.48 -2.47 9.14
CA HIS A 175 -2.42 -1.80 9.18
C HIS A 175 -3.34 -2.81 7.92
C HIS A 175 -3.47 -2.00 8.09
N ASN A 176 -3.00 -2.10 6.79
CA ASN A 176 -3.82 -2.30 5.61
C ASN A 176 -3.55 -3.62 4.89
N VAL A 177 -2.75 -4.47 5.50
CA VAL A 177 -2.45 -5.80 4.93
C VAL A 177 -2.92 -6.82 5.94
N MET A 178 -4.06 -7.41 5.67
N MET A 178 -4.24 -7.18 5.88
CA MET A 178 -4.72 -8.20 6.69
CA MET A 178 -4.83 -8.24 6.72
C MET A 178 -4.38 -9.65 6.42
C MET A 178 -4.13 -9.55 6.39
N ILE A 179 -3.76 -10.29 7.44
CA ILE A 179 -3.19 -11.61 7.30
C ILE A 179 -3.84 -12.54 8.31
N ASP A 180 -4.50 -13.58 7.79
CA ASP A 180 -4.92 -14.70 8.62
C ASP A 180 -3.79 -15.70 8.57
N HIS A 181 -3.01 -15.77 9.64
CA HIS A 181 -1.81 -16.59 9.67
C HIS A 181 -2.15 -18.07 9.91
N GLN A 182 -3.39 -18.38 10.27
CA GLN A 182 -3.81 -19.79 10.35
C GLN A 182 -4.13 -20.35 9.01
N GLN A 183 -4.95 -19.63 8.22
CA GLN A 183 -5.37 -20.06 6.90
C GLN A 183 -4.42 -19.58 5.79
N LYS A 184 -3.42 -18.75 6.11
CA LYS A 184 -2.47 -18.21 5.13
C LYS A 184 -3.22 -17.41 4.06
N LYS A 185 -4.08 -16.50 4.51
CA LYS A 185 -4.87 -15.63 3.64
C LYS A 185 -4.40 -14.22 3.88
N LEU A 186 -4.20 -13.48 2.78
CA LEU A 186 -3.77 -12.09 2.86
C LEU A 186 -4.72 -11.25 2.01
N ARG A 187 -5.11 -10.09 2.54
CA ARG A 187 -5.92 -9.14 1.76
C ARG A 187 -5.41 -7.72 1.99
N LEU A 188 -5.29 -7.00 0.88
CA LEU A 188 -4.97 -5.58 0.91
C LEU A 188 -6.30 -4.81 1.00
N ILE A 189 -6.42 -4.05 2.10
CA ILE A 189 -7.64 -3.34 2.44
C ILE A 189 -7.43 -1.81 2.33
N ASP A 190 -8.53 -1.11 2.56
CA ASP A 190 -8.67 0.33 2.69
C ASP A 190 -8.15 1.08 1.45
N TRP A 191 -9.02 1.09 0.47
CA TRP A 191 -8.82 1.73 -0.82
C TRP A 191 -9.33 3.17 -0.80
N GLY A 192 -9.53 3.76 0.40
CA GLY A 192 -10.05 5.10 0.48
C GLY A 192 -9.09 6.20 0.05
N LEU A 193 -7.79 5.93 -0.03
CA LEU A 193 -6.83 6.87 -0.53
C LEU A 193 -6.40 6.54 -1.98
N ALA A 194 -6.90 5.46 -2.54
CA ALA A 194 -6.44 5.01 -3.86
C ALA A 194 -6.90 5.99 -4.93
N GLU A 195 -6.21 5.89 -6.09
N GLU A 195 -6.04 6.17 -5.95
CA GLU A 195 -6.41 6.86 -7.15
CA GLU A 195 -6.43 6.98 -7.12
C GLU A 195 -6.00 6.30 -8.51
C GLU A 195 -6.11 6.21 -8.38
N PHE A 196 -6.69 6.75 -9.51
CA PHE A 196 -6.35 6.36 -10.87
C PHE A 196 -5.10 7.08 -11.33
N TYR A 197 -4.19 6.34 -11.94
CA TYR A 197 -2.98 6.91 -12.53
C TYR A 197 -3.24 7.38 -13.98
N HIS A 198 -2.89 8.61 -14.24
CA HIS A 198 -2.93 9.19 -15.58
C HIS A 198 -1.58 9.87 -15.81
N PRO A 199 -0.94 9.64 -16.95
CA PRO A 199 0.40 10.19 -17.18
C PRO A 199 0.38 11.69 -17.09
N ALA A 200 1.39 12.23 -16.41
CA ALA A 200 1.66 13.65 -16.22
C ALA A 200 0.73 14.28 -15.19
N GLN A 201 -0.18 13.52 -14.62
CA GLN A 201 -1.09 14.11 -13.64
C GLN A 201 -0.33 14.38 -12.35
N GLU A 202 -0.58 15.51 -11.74
CA GLU A 202 -0.04 15.87 -10.46
C GLU A 202 -1.01 15.49 -9.35
N TYR A 203 -0.52 14.76 -8.38
CA TYR A 203 -1.31 14.22 -7.31
C TYR A 203 -0.96 14.88 -5.97
N ASN A 204 -1.89 14.77 -5.04
CA ASN A 204 -1.70 15.27 -3.69
C ASN A 204 -0.65 14.41 -3.00
N VAL A 205 0.37 15.05 -2.41
CA VAL A 205 1.39 14.27 -1.69
C VAL A 205 0.95 13.89 -0.29
N ARG A 206 -0.18 14.35 0.19
CA ARG A 206 -0.67 14.02 1.54
C ARG A 206 -1.42 12.69 1.51
N VAL A 207 -0.67 11.64 1.22
CA VAL A 207 -1.15 10.27 1.20
C VAL A 207 -0.12 9.40 1.96
N ALA A 208 -0.53 8.19 2.29
CA ALA A 208 0.25 7.19 3.00
C ALA A 208 0.50 7.58 4.48
N SER A 209 0.77 6.60 5.29
CA SER A 209 1.23 6.81 6.66
C SER A 209 2.62 7.32 6.63
N ARG A 210 2.97 8.20 7.57
CA ARG A 210 4.30 8.78 7.65
C ARG A 210 5.40 7.77 7.35
N TYR A 211 5.37 6.62 8.03
CA TYR A 211 6.52 5.71 8.00
C TYR A 211 6.68 5.04 6.63
N PHE A 212 5.62 5.11 5.81
CA PHE A 212 5.55 4.42 4.52
C PHE A 212 5.51 5.40 3.35
N LYS A 213 5.65 6.70 3.65
CA LYS A 213 5.68 7.70 2.57
C LYS A 213 6.97 7.59 1.81
N GLY A 214 6.88 7.57 0.47
CA GLY A 214 8.07 7.58 -0.34
C GLY A 214 8.75 8.94 -0.30
N PRO A 215 10.04 8.96 -0.62
CA PRO A 215 10.76 10.24 -0.66
C PRO A 215 10.09 11.25 -1.56
N GLU A 216 9.48 10.81 -2.66
CA GLU A 216 8.78 11.74 -3.55
C GLU A 216 7.74 12.56 -2.80
N LEU A 217 6.98 11.90 -1.89
CA LEU A 217 5.97 12.62 -1.15
C LEU A 217 6.62 13.64 -0.20
N LEU A 218 7.72 13.20 0.45
CA LEU A 218 8.37 13.98 1.49
C LEU A 218 9.04 15.22 0.92
N VAL A 219 9.39 15.21 -0.38
CA VAL A 219 9.98 16.34 -1.05
C VAL A 219 8.97 17.08 -1.93
N ASP A 220 7.69 16.77 -1.78
CA ASP A 220 6.60 17.52 -2.45
C ASP A 220 6.63 17.34 -3.97
N TYR A 221 7.03 16.16 -4.45
CA TYR A 221 7.02 15.86 -5.87
C TYR A 221 5.71 15.18 -6.23
N GLN A 222 4.87 15.91 -7.00
CA GLN A 222 3.50 15.53 -7.23
C GLN A 222 3.33 14.55 -8.41
N MET A 223 4.32 14.41 -9.28
CA MET A 223 4.11 13.63 -10.52
C MET A 223 4.57 12.18 -10.28
N TYR A 224 3.97 11.56 -9.23
CA TYR A 224 4.33 10.22 -8.81
C TYR A 224 3.39 9.19 -9.47
N ASP A 225 3.66 7.91 -9.18
CA ASP A 225 2.94 6.85 -9.87
C ASP A 225 2.87 5.61 -8.96
N TYR A 226 2.53 4.46 -9.58
CA TYR A 226 2.42 3.20 -8.86
C TYR A 226 3.64 2.87 -8.02
N SER A 227 4.81 3.36 -8.45
CA SER A 227 6.06 3.09 -7.74
C SER A 227 6.03 3.61 -6.30
N LEU A 228 5.15 4.54 -5.95
CA LEU A 228 5.00 4.93 -4.54
C LEU A 228 4.69 3.70 -3.68
N ASP A 229 3.77 2.85 -4.19
CA ASP A 229 3.38 1.67 -3.44
C ASP A 229 4.55 0.71 -3.26
N MET A 230 5.48 0.69 -4.22
CA MET A 230 6.63 -0.19 -4.13
C MET A 230 7.63 0.28 -3.09
N TRP A 231 7.75 1.60 -2.87
CA TRP A 231 8.49 2.10 -1.71
C TRP A 231 7.87 1.57 -0.42
N SER A 232 6.56 1.75 -0.29
CA SER A 232 5.89 1.31 0.94
C SER A 232 6.09 -0.18 1.17
N LEU A 233 5.97 -0.97 0.09
CA LEU A 233 6.21 -2.39 0.20
C LEU A 233 7.62 -2.67 0.65
N GLY A 234 8.60 -1.97 0.07
CA GLY A 234 9.98 -2.12 0.51
C GLY A 234 10.14 -1.84 2.00
N CYS A 235 9.46 -0.82 2.49
CA CYS A 235 9.53 -0.51 3.92
C CYS A 235 9.01 -1.71 4.73
N MET A 236 7.92 -2.31 4.27
CA MET A 236 7.40 -3.49 4.97
C MET A 236 8.37 -4.65 4.90
N LEU A 237 8.97 -4.91 3.73
CA LEU A 237 9.93 -6.00 3.62
C LEU A 237 11.11 -5.77 4.57
N ALA A 238 11.63 -4.55 4.63
CA ALA A 238 12.73 -4.25 5.55
C ALA A 238 12.31 -4.55 6.98
N SER A 239 11.11 -4.11 7.36
CA SER A 239 10.69 -4.33 8.74
C SER A 239 10.60 -5.80 9.08
N MET A 240 10.19 -6.63 8.10
CA MET A 240 10.02 -8.06 8.33
C MET A 240 11.37 -8.76 8.43
N ILE A 241 12.25 -8.55 7.44
CA ILE A 241 13.52 -9.28 7.46
C ILE A 241 14.45 -8.80 8.56
N PHE A 242 14.34 -7.51 8.95
CA PHE A 242 15.26 -6.96 9.95
C PHE A 242 14.64 -6.91 11.34
N ARG A 243 13.34 -7.09 11.45
N ARG A 243 13.30 -7.02 11.41
CA ARG A 243 12.67 -7.02 12.76
CA ARG A 243 12.46 -7.06 12.63
C ARG A 243 12.81 -5.64 13.39
C ARG A 243 12.30 -5.67 13.29
N ARG A 244 12.66 -4.60 12.57
CA ARG A 244 12.57 -3.22 13.06
C ARG A 244 11.31 -2.65 12.42
N GLU A 245 10.27 -2.47 13.21
CA GLU A 245 8.94 -2.10 12.69
C GLU A 245 8.46 -0.88 13.45
N PRO A 246 8.11 0.23 12.78
CA PRO A 246 8.41 0.47 11.36
C PRO A 246 9.91 0.61 11.16
N PHE A 247 10.32 0.45 9.88
CA PHE A 247 11.74 0.46 9.60
C PHE A 247 12.33 1.88 9.67
N PHE A 248 11.61 2.86 9.08
CA PHE A 248 12.02 4.25 9.07
C PHE A 248 11.05 5.00 9.97
N HIS A 249 11.46 5.33 11.19
CA HIS A 249 10.51 5.79 12.23
C HIS A 249 10.66 7.30 12.47
N GLY A 250 10.18 8.09 11.49
CA GLY A 250 10.24 9.51 11.62
C GLY A 250 9.33 10.06 12.71
N GLN A 251 9.74 11.19 13.30
CA GLN A 251 8.88 11.90 14.28
C GLN A 251 7.82 12.81 13.60
N ASP A 252 8.08 13.21 12.38
CA ASP A 252 7.21 14.06 11.56
C ASP A 252 7.71 13.87 10.13
N ASN A 253 7.08 14.55 9.17
CA ASN A 253 7.40 14.28 7.77
C ASN A 253 8.81 14.72 7.44
N TYR A 254 9.29 15.79 8.10
CA TYR A 254 10.64 16.25 7.83
C TYR A 254 11.64 15.20 8.34
N ASP A 255 11.47 14.80 9.60
CA ASP A 255 12.35 13.80 10.19
C ASP A 255 12.27 12.47 9.43
N GLN A 256 11.10 12.16 8.85
CA GLN A 256 10.99 10.93 8.05
C GLN A 256 12.03 10.90 6.94
N LEU A 257 12.17 12.02 6.20
CA LEU A 257 13.17 12.05 5.14
C LEU A 257 14.58 11.95 5.71
N VAL A 258 14.84 12.60 6.85
CA VAL A 258 16.17 12.47 7.48
C VAL A 258 16.46 11.02 7.79
N ARG A 259 15.48 10.29 8.35
CA ARG A 259 15.69 8.89 8.68
C ARG A 259 16.04 8.08 7.44
N ILE A 260 15.35 8.37 6.34
CA ILE A 260 15.67 7.69 5.07
C ILE A 260 17.08 8.03 4.63
N ALA A 261 17.44 9.32 4.67
CA ALA A 261 18.73 9.77 4.17
C ALA A 261 19.90 9.23 5.01
N LYS A 262 19.66 8.94 6.27
CA LYS A 262 20.72 8.36 7.07
C LYS A 262 21.03 6.93 6.65
N VAL A 263 20.17 6.31 5.87
CA VAL A 263 20.39 4.98 5.32
C VAL A 263 20.82 5.05 3.86
N LEU A 264 20.02 5.75 3.04
CA LEU A 264 20.26 5.79 1.58
C LEU A 264 21.35 6.81 1.18
N GLY A 265 21.68 7.75 2.08
CA GLY A 265 22.72 8.73 1.82
C GLY A 265 22.18 10.08 1.34
N THR A 266 22.87 11.15 1.73
CA THR A 266 22.46 12.50 1.33
C THR A 266 22.93 12.89 -0.08
N GLU A 267 24.17 12.59 -0.46
CA GLU A 267 24.55 12.90 -1.85
C GLU A 267 23.62 12.21 -2.82
N GLU A 268 23.22 11.00 -2.47
CA GLU A 268 22.34 10.24 -3.33
C GLU A 268 20.94 10.91 -3.41
N LEU A 269 20.45 11.43 -2.31
CA LEU A 269 19.19 12.21 -2.33
C LEU A 269 19.33 13.40 -3.31
N TYR A 270 20.47 14.10 -3.23
CA TYR A 270 20.61 15.29 -4.06
C TYR A 270 20.62 14.94 -5.54
N GLY A 271 21.20 13.79 -5.89
CA GLY A 271 21.18 13.36 -7.29
C GLY A 271 19.76 13.10 -7.79
N TYR A 272 18.93 12.52 -6.91
CA TYR A 272 17.53 12.30 -7.26
C TYR A 272 16.82 13.64 -7.48
N LEU A 273 16.99 14.57 -6.54
CA LEU A 273 16.34 15.87 -6.67
C LEU A 273 16.77 16.56 -7.97
N LYS A 274 18.05 16.47 -8.28
CA LYS A 274 18.55 17.14 -9.50
C LYS A 274 17.92 16.51 -10.74
N LYS A 275 17.84 15.20 -10.78
CA LYS A 275 17.30 14.52 -11.96
C LYS A 275 15.91 15.01 -12.28
N TYR A 276 15.05 15.16 -11.25
CA TYR A 276 13.66 15.49 -11.43
C TYR A 276 13.35 16.95 -11.24
N HIS A 277 14.38 17.77 -11.06
CA HIS A 277 14.21 19.21 -10.91
C HIS A 277 13.35 19.54 -9.70
N ILE A 278 13.61 18.85 -8.59
CA ILE A 278 12.76 18.96 -7.41
C ILE A 278 13.30 20.02 -6.51
N ASP A 279 12.44 20.90 -6.08
CA ASP A 279 12.78 21.96 -5.14
C ASP A 279 12.65 21.45 -3.70
N LEU A 280 13.75 21.62 -3.01
CA LEU A 280 13.81 21.14 -1.60
C LEU A 280 13.40 22.26 -0.60
N ASP A 281 12.41 21.98 0.24
CA ASP A 281 11.97 22.91 1.29
C ASP A 281 13.16 23.27 2.17
N PRO A 282 13.43 24.55 2.36
CA PRO A 282 14.68 24.92 3.02
C PRO A 282 14.72 24.54 4.50
N HIS A 283 13.60 24.17 5.12
CA HIS A 283 13.70 23.65 6.48
C HIS A 283 14.57 22.39 6.57
N PHE A 284 14.71 21.65 5.47
CA PHE A 284 15.59 20.50 5.47
C PHE A 284 17.05 20.88 5.63
N ASN A 285 17.42 22.10 5.31
CA ASN A 285 18.84 22.46 5.35
C ASN A 285 19.42 22.30 6.74
N ASP A 286 18.61 22.56 7.74
CA ASP A 286 19.04 22.54 9.12
C ASP A 286 19.07 21.15 9.75
N ILE A 287 18.49 20.14 9.11
CA ILE A 287 18.26 18.84 9.74
C ILE A 287 18.82 17.65 8.97
N LEU A 288 19.10 17.77 7.66
N LEU A 288 19.11 17.73 7.64
CA LEU A 288 19.51 16.61 6.88
CA LEU A 288 19.54 16.55 6.87
C LEU A 288 20.90 16.13 7.26
C LEU A 288 20.96 16.12 7.20
N GLY A 289 21.82 17.04 7.55
CA GLY A 289 23.18 16.66 7.82
C GLY A 289 23.89 16.09 6.61
N GLN A 290 24.91 15.28 6.87
CA GLN A 290 25.69 14.65 5.82
C GLN A 290 25.81 13.18 6.17
N HIS A 291 25.34 12.30 5.29
CA HIS A 291 25.30 10.87 5.58
C HIS A 291 25.71 10.06 4.38
N SER A 292 26.62 9.13 4.62
CA SER A 292 26.98 8.16 3.61
C SER A 292 25.84 7.14 3.41
N ARG A 293 25.78 6.58 2.23
CA ARG A 293 24.90 5.44 1.98
C ARG A 293 25.40 4.24 2.77
N LYS A 294 24.52 3.59 3.49
CA LYS A 294 24.84 2.46 4.33
C LYS A 294 24.67 1.15 3.60
N ARG A 295 25.52 0.19 3.96
CA ARG A 295 25.34 -1.17 3.48
C ARG A 295 24.13 -1.81 4.20
N TRP A 296 23.28 -2.51 3.45
CA TRP A 296 22.12 -3.16 4.04
C TRP A 296 22.54 -4.22 5.05
N GLU A 297 23.69 -4.83 4.85
CA GLU A 297 24.19 -5.80 5.82
C GLU A 297 24.38 -5.19 7.22
N ASN A 298 24.49 -3.85 7.33
CA ASN A 298 24.65 -3.19 8.64
C ASN A 298 23.48 -3.43 9.56
N PHE A 299 22.33 -3.84 9.00
CA PHE A 299 21.13 -4.05 9.78
C PHE A 299 21.02 -5.47 10.32
N ILE A 300 21.91 -6.36 9.93
CA ILE A 300 21.88 -7.74 10.35
C ILE A 300 22.52 -7.88 11.73
N HIS A 301 21.86 -8.65 12.60
CA HIS A 301 22.43 -9.06 13.87
C HIS A 301 21.81 -10.41 14.27
N SER A 302 22.17 -10.90 15.43
CA SER A 302 21.81 -12.27 15.75
C SER A 302 20.30 -12.45 15.77
N GLU A 303 19.53 -11.40 16.09
CA GLU A 303 18.09 -11.59 16.19
C GLU A 303 17.38 -11.71 14.85
N ASN A 304 17.99 -11.27 13.77
CA ASN A 304 17.34 -11.30 12.44
C ASN A 304 18.11 -12.08 11.37
N ARG A 305 19.27 -12.68 11.75
CA ARG A 305 20.14 -13.17 10.69
C ARG A 305 19.47 -14.30 9.89
N HIS A 306 18.61 -15.08 10.55
CA HIS A 306 17.94 -16.20 9.89
C HIS A 306 16.87 -15.76 8.89
N LEU A 307 16.56 -14.47 8.83
CA LEU A 307 15.56 -13.94 7.89
C LEU A 307 16.22 -13.25 6.69
N VAL A 308 17.55 -13.05 6.72
CA VAL A 308 18.26 -12.24 5.77
C VAL A 308 19.11 -13.15 4.92
N SER A 309 19.06 -12.99 3.63
CA SER A 309 19.82 -13.71 2.64
C SER A 309 20.34 -12.71 1.62
N PRO A 310 21.29 -13.11 0.79
CA PRO A 310 21.73 -12.21 -0.29
C PRO A 310 20.54 -11.80 -1.17
N GLU A 311 19.64 -12.75 -1.45
CA GLU A 311 18.49 -12.47 -2.32
C GLU A 311 17.59 -11.43 -1.68
N ALA A 312 17.35 -11.56 -0.36
CA ALA A 312 16.50 -10.58 0.32
C ALA A 312 17.09 -9.19 0.20
N LEU A 313 18.42 -9.08 0.42
CA LEU A 313 19.06 -7.77 0.39
C LEU A 313 19.07 -7.17 -1.00
N ASP A 314 19.29 -8.04 -2.01
CA ASP A 314 19.27 -7.54 -3.38
C ASP A 314 17.89 -6.98 -3.75
N LEU A 315 16.86 -7.73 -3.39
CA LEU A 315 15.48 -7.26 -3.62
C LEU A 315 15.24 -5.94 -2.90
N LEU A 316 15.57 -5.90 -1.62
CA LEU A 316 15.30 -4.71 -0.84
C LEU A 316 16.00 -3.49 -1.44
N ASP A 317 17.26 -3.67 -1.82
CA ASP A 317 18.05 -2.59 -2.41
C ASP A 317 17.39 -2.02 -3.66
N LYS A 318 16.65 -2.86 -4.39
CA LYS A 318 16.01 -2.47 -5.63
C LYS A 318 14.61 -1.88 -5.43
N LEU A 319 14.09 -1.93 -4.19
CA LEU A 319 12.84 -1.33 -3.84
C LEU A 319 13.03 0.02 -3.13
N LEU A 320 13.91 0.03 -2.13
CA LEU A 320 14.16 1.24 -1.33
C LEU A 320 15.24 2.08 -2.05
N ARG A 321 14.80 2.70 -3.15
CA ARG A 321 15.58 3.61 -3.96
C ARG A 321 14.88 4.96 -3.96
N TYR A 322 15.66 6.04 -3.87
CA TYR A 322 15.03 7.35 -4.02
C TYR A 322 14.29 7.46 -5.34
N ASP A 323 14.97 7.06 -6.43
CA ASP A 323 14.44 7.30 -7.76
C ASP A 323 13.28 6.35 -8.03
N HIS A 324 12.07 6.90 -7.94
CA HIS A 324 10.85 6.12 -8.07
C HIS A 324 10.82 5.34 -9.36
N GLN A 325 11.38 5.92 -10.44
CA GLN A 325 11.33 5.27 -11.75
C GLN A 325 12.25 4.06 -11.79
N GLN A 326 13.26 3.96 -10.85
N GLN A 326 13.24 4.00 -11.01
CA GLN A 326 14.31 2.93 -10.77
CA GLN A 326 14.10 2.87 -11.13
C GLN A 326 13.94 1.81 -9.80
C GLN A 326 13.69 1.72 -10.16
N ARG A 327 12.85 1.97 -9.10
CA ARG A 327 12.36 0.90 -8.24
C ARG A 327 11.81 -0.22 -9.11
N LEU A 328 11.90 -1.45 -8.61
CA LEU A 328 11.20 -2.54 -9.29
C LEU A 328 9.69 -2.27 -9.35
N THR A 329 9.09 -2.68 -10.44
CA THR A 329 7.64 -2.81 -10.52
C THR A 329 7.21 -3.99 -9.66
N ALA A 330 5.90 -4.08 -9.37
CA ALA A 330 5.43 -5.23 -8.61
C ALA A 330 5.77 -6.53 -9.33
N LYS A 331 5.60 -6.56 -10.64
CA LYS A 331 5.91 -7.74 -11.44
C LYS A 331 7.39 -8.07 -11.37
N GLU A 332 8.26 -7.08 -11.56
CA GLU A 332 9.69 -7.34 -11.49
C GLU A 332 10.08 -7.89 -10.11
N ALA A 333 9.46 -7.33 -9.06
CA ALA A 333 9.71 -7.85 -7.72
C ALA A 333 9.27 -9.31 -7.61
N MET A 334 8.07 -9.64 -8.11
CA MET A 334 7.58 -11.03 -8.08
C MET A 334 8.53 -11.99 -8.81
N GLU A 335 9.19 -11.53 -9.86
N GLU A 335 9.20 -11.46 -9.84
CA GLU A 335 10.10 -12.39 -10.61
CA GLU A 335 10.07 -12.23 -10.71
C GLU A 335 11.44 -12.60 -9.88
C GLU A 335 11.47 -12.39 -10.14
N HIS A 336 11.73 -11.79 -8.91
CA HIS A 336 13.05 -11.82 -8.32
C HIS A 336 13.33 -13.20 -7.72
N PRO A 337 14.58 -13.65 -7.75
CA PRO A 337 14.93 -14.94 -7.12
C PRO A 337 14.52 -15.09 -5.67
N TYR A 338 14.40 -14.02 -4.89
CA TYR A 338 13.94 -14.16 -3.51
C TYR A 338 12.64 -14.99 -3.43
N PHE A 339 11.77 -14.88 -4.42
CA PHE A 339 10.50 -15.57 -4.40
C PHE A 339 10.53 -16.94 -5.05
N TYR A 340 11.65 -17.36 -5.60
CA TYR A 340 11.68 -18.69 -6.25
C TYR A 340 11.18 -19.78 -5.30
N PRO A 341 11.55 -19.82 -4.03
CA PRO A 341 11.03 -20.89 -3.16
C PRO A 341 9.52 -20.90 -3.07
N VAL A 342 8.90 -19.73 -3.13
CA VAL A 342 7.44 -19.62 -3.04
C VAL A 342 6.81 -20.13 -4.33
N VAL A 343 7.34 -19.73 -5.47
CA VAL A 343 6.82 -20.17 -6.74
C VAL A 343 6.93 -21.67 -6.87
N LYS A 344 8.06 -22.23 -6.45
CA LYS A 344 8.23 -23.67 -6.49
C LYS A 344 7.19 -24.40 -5.65
N GLU A 345 6.89 -23.89 -4.47
CA GLU A 345 5.85 -24.51 -3.64
C GLU A 345 4.45 -24.35 -4.27
N GLN A 346 4.16 -23.19 -4.87
N GLN A 346 4.17 -23.22 -4.91
CA GLN A 346 2.85 -22.96 -5.45
CA GLN A 346 2.83 -23.00 -5.41
C GLN A 346 2.62 -23.75 -6.73
C GLN A 346 2.61 -23.72 -6.74
N SER A 347 3.70 -24.18 -7.39
CA SER A 347 3.61 -24.96 -8.62
C SER A 347 3.58 -26.46 -8.34
C02 N92 B . -11.45 -1.29 4.01
C02 N92 B . -11.36 -0.82 4.38
C04 N92 B . -11.55 -2.41 5.06
C04 N92 B . -11.45 -1.94 5.38
C05 N92 B . -11.68 -3.74 4.67
C05 N92 B . -11.66 -3.22 4.94
C06 N92 B . -11.58 -4.79 5.58
C06 N92 B . -11.75 -4.29 5.82
C07 N92 B . -11.50 -4.53 6.96
C07 N92 B . -11.39 -4.15 7.16
C09 N92 B . -10.79 -5.60 9.15
C09 N92 B . -10.69 -5.44 9.26
C11 N92 B . -9.91 -4.76 11.07
C11 N92 B . -10.08 -6.44 11.20
C12 N92 B . -9.52 -3.69 11.99
C12 N92 B . -9.94 -7.56 12.11
C13 N92 B . -8.82 -3.96 13.18
C13 N92 B . -9.01 -7.57 13.16
C14 N92 B . -8.43 -2.93 14.03
C14 N92 B . -8.95 -8.65 14.05
C15 N92 B . -8.71 -1.63 13.66
C15 N92 B . -9.76 -9.74 13.83
C17 N92 B . -9.40 -1.32 12.49
C17 N92 B . -10.67 -9.78 12.78
C18 N92 B . -9.79 -2.37 11.67
C18 N92 B . -10.75 -8.69 11.93
C19 N92 B . -9.65 -6.09 11.28
C19 N92 B . -9.55 -5.19 11.43
C21 N92 B . -11.36 -3.20 7.36
C21 N92 B . -11.09 -2.86 7.62
C22 N92 B . -11.39 -2.17 6.42
C22 N92 B . -11.16 -1.78 6.72
N08 N92 B . -11.33 -5.59 7.89
N08 N92 B . -11.27 -5.30 8.04
N10 N92 B . -10.48 -4.44 9.81
N10 N92 B . -10.61 -6.64 9.90
O01 N92 B . -11.35 -1.66 2.81
O01 N92 B . -11.51 -1.13 3.16
O03 N92 B . -11.42 -0.12 4.44
O03 N92 B . -11.17 0.34 4.81
O23 N92 B . -11.13 -0.88 6.82
O23 N92 B . -10.82 -0.54 7.16
S20 N92 B . -10.09 -7.02 9.89
S20 N92 B . -9.84 -4.13 10.11
CL1 N92 B . -8.19 -0.33 14.68
CL1 N92 B . -9.65 -11.10 14.90
H051 N92 B . -11.73 -3.92 3.76
H051 N92 B . -11.89 -3.36 4.05
H061 N92 B . -11.69 -5.66 5.27
H061 N92 B . -11.91 -5.13 5.47
H131 N92 B . -8.66 -4.83 13.43
H131 N92 B . -8.47 -6.83 13.30
H141 N92 B . -7.99 -3.09 14.83
H141 N92 B . -8.33 -8.66 14.75
H171 N92 B . -9.54 -0.43 12.26
H171 N92 B . -11.21 -10.54 12.66
H181 N92 B . -10.20 -2.18 10.85
H181 N92 B . -11.34 -8.70 11.22
H191 N92 B . -9.22 -6.48 12.00
H191 N92 B . -9.08 -4.90 12.18
H211 N92 B . -11.19 -2.99 8.26
H211 N92 B . -10.87 -2.71 8.51
H081 N92 B . -11.48 -6.37 7.54
H081 N92 B . -11.79 -5.95 7.79
H231 N92 B . -10.46 -0.91 7.34
H231 N92 B . -10.94 -0.01 6.50
C1 EDO C . 23.44 -11.30 3.52
O1 EDO C . 24.87 -11.27 3.60
C2 EDO C . 22.97 -12.58 4.14
O2 EDO C . 23.80 -13.60 3.58
H11 EDO C . 23.12 -11.25 2.47
H12 EDO C . 23.01 -10.46 4.06
HO1 EDO C . 25.19 -10.41 3.29
H21 EDO C . 21.92 -12.77 3.93
H22 EDO C . 23.11 -12.55 5.22
HO2 EDO C . 24.64 -13.22 3.30
C1 EDO D . 3.64 1.27 11.54
O1 EDO D . 3.26 0.04 11.00
C2 EDO D . 3.08 1.34 12.93
O2 EDO D . 3.83 0.47 13.76
H11 EDO D . 3.26 2.09 10.94
H12 EDO D . 4.72 1.35 11.58
HO1 EDO D . 2.29 -0.09 11.08
H21 EDO D . 2.01 1.08 12.97
H22 EDO D . 3.20 2.35 13.34
HO2 EDO D . 4.20 0.93 14.52
C1 EDO E . -31.20 3.12 0.23
O1 EDO E . -32.35 3.71 0.85
C2 EDO E . -30.96 1.71 0.86
O2 EDO E . -31.98 0.78 0.40
H11 EDO E . -31.36 3.03 -0.84
H12 EDO E . -30.33 3.76 0.39
HO1 EDO E . -33.03 3.85 0.19
H21 EDO E . -30.95 1.82 1.92
H22 EDO E . -29.98 1.38 0.54
HO2 EDO E . -31.60 0.22 -0.30
C1 EDO F . 14.38 -9.07 -12.49
O1 EDO F . 13.25 -8.27 -12.79
C2 EDO F . 14.03 -9.87 -11.25
O2 EDO F . 13.77 -9.00 -10.19
H11 EDO F . 15.25 -8.44 -12.28
H12 EDO F . 14.62 -9.73 -13.31
HO1 EDO F . 12.48 -8.83 -12.92
H21 EDO F . 14.84 -10.56 -11.00
H22 EDO F . 13.13 -10.47 -11.46
HO2 EDO F . 14.61 -8.72 -9.79
C1 EDO G . 1.82 7.55 11.27
O1 EDO G . 2.31 8.46 12.26
C2 EDO G . 0.62 8.24 10.63
O2 EDO G . 1.04 9.01 9.48
H11 EDO G . 1.47 6.64 11.77
H12 EDO G . 2.58 7.29 10.53
HO1 EDO G . 3.26 8.60 12.10
H21 EDO G . 0.09 8.87 11.33
H22 EDO G . -0.08 7.47 10.26
HO2 EDO G . 2.00 9.03 9.50
C1 EDO H . -11.99 -7.36 -4.97
O1 EDO H . -13.13 -8.21 -5.26
C2 EDO H . -12.47 -5.90 -5.03
O2 EDO H . -13.33 -5.60 -3.93
H11 EDO H . -11.21 -7.53 -5.72
H12 EDO H . -11.57 -7.59 -3.99
HO1 EDO H . -13.85 -7.69 -5.63
H21 EDO H . -12.98 -5.71 -5.96
H22 EDO H . -11.60 -5.25 -4.98
HO2 EDO H . -14.07 -6.22 -4.01
C1 EDO I . 6.85 17.81 3.75
O1 EDO I . 5.88 16.85 4.24
C2 EDO I . 8.10 17.57 4.57
O2 EDO I . 8.45 16.18 4.41
H11 EDO I . 6.48 18.83 3.89
H12 EDO I . 7.03 17.64 2.68
HO1 EDO I . 5.15 17.34 4.68
H21 EDO I . 7.85 17.82 5.60
H22 EDO I . 8.91 18.22 4.21
HO2 EDO I . 8.90 16.06 3.56
#